data_2KVF
#
_entry.id   2KVF
#
_cell.length_a   1.000
_cell.length_b   1.000
_cell.length_c   1.000
_cell.angle_alpha   90.00
_cell.angle_beta   90.00
_cell.angle_gamma   90.00
#
_symmetry.space_group_name_H-M   'P 1'
#
loop_
_entity.id
_entity.type
_entity.pdbx_description
1 polymer 'Zinc finger and BTB domain-containing protein 32'
2 non-polymer 'ZINC ION'
#
_entity_poly.entity_id   1
_entity_poly.type   'polypeptide(L)'
_entity_poly.pdbx_seq_one_letter_code
;MRPYSCSVCGKRFSLKHQMETHYRVHTG
;
_entity_poly.pdbx_strand_id   A
#
# COMPACT_ATOMS: atom_id res chain seq x y z
N MET A 1 12.58 3.14 -2.83
CA MET A 1 11.54 4.12 -2.39
C MET A 1 11.53 4.18 -0.86
N ARG A 2 11.98 5.28 -0.30
CA ARG A 2 11.99 5.41 1.18
C ARG A 2 10.68 4.86 1.75
N PRO A 3 9.57 5.35 1.27
CA PRO A 3 8.22 4.92 1.73
C PRO A 3 7.79 3.59 1.09
N TYR A 4 6.85 2.91 1.69
CA TYR A 4 6.39 1.62 1.11
C TYR A 4 5.72 1.87 -0.24
N SER A 5 5.01 0.91 -0.74
CA SER A 5 4.34 1.09 -2.07
C SER A 5 3.16 0.12 -2.18
N CYS A 6 2.17 0.47 -2.95
CA CYS A 6 1.00 -0.43 -3.12
C CYS A 6 1.47 -1.82 -3.55
N SER A 7 2.70 -1.93 -3.97
CA SER A 7 3.21 -3.27 -4.40
C SER A 7 2.18 -3.93 -5.31
N VAL A 8 1.16 -3.21 -5.68
CA VAL A 8 0.11 -3.80 -6.57
C VAL A 8 -0.37 -2.73 -7.55
N CYS A 9 -0.77 -1.59 -7.04
CA CYS A 9 -1.25 -0.51 -7.94
C CYS A 9 -0.06 0.31 -8.44
N GLY A 10 0.90 0.56 -7.59
CA GLY A 10 2.09 1.34 -8.02
C GLY A 10 2.11 2.70 -7.32
N LYS A 11 1.55 2.77 -6.15
CA LYS A 11 1.53 4.07 -5.41
C LYS A 11 2.62 4.07 -4.33
N ARG A 12 2.68 5.09 -3.53
CA ARG A 12 3.72 5.15 -2.47
C ARG A 12 3.06 5.38 -1.11
N PHE A 13 3.64 4.88 -0.06
CA PHE A 13 3.06 5.09 1.30
C PHE A 13 4.14 4.86 2.37
N SER A 14 4.20 5.72 3.35
CA SER A 14 5.22 5.53 4.42
C SER A 14 4.58 4.82 5.61
N LEU A 15 3.35 4.38 5.45
CA LEU A 15 2.67 3.67 6.56
C LEU A 15 2.27 2.27 6.09
N LYS A 16 3.05 1.27 6.42
CA LYS A 16 2.72 -0.11 5.98
C LYS A 16 1.24 -0.39 6.24
N HIS A 17 0.75 -0.03 7.40
CA HIS A 17 -0.69 -0.26 7.70
C HIS A 17 -1.55 0.49 6.68
N GLN A 18 -1.20 1.72 6.40
CA GLN A 18 -1.99 2.51 5.42
C GLN A 18 -2.03 1.75 4.09
N MET A 19 -0.88 1.40 3.57
CA MET A 19 -0.85 0.65 2.29
C MET A 19 -1.59 -0.67 2.47
N GLU A 20 -1.28 -1.38 3.53
CA GLU A 20 -1.98 -2.67 3.78
C GLU A 20 -3.47 -2.40 3.89
N THR A 21 -3.82 -1.29 4.45
CA THR A 21 -5.26 -0.95 4.59
C THR A 21 -5.82 -0.64 3.21
N HIS A 22 -4.96 -0.29 2.29
CA HIS A 22 -5.43 0.02 0.91
C HIS A 22 -5.72 -1.28 0.17
N TYR A 23 -4.97 -2.31 0.44
CA TYR A 23 -5.19 -3.62 -0.25
C TYR A 23 -6.67 -3.99 -0.10
N ARG A 24 -7.30 -3.60 0.97
CA ARG A 24 -8.75 -3.92 1.14
C ARG A 24 -9.49 -3.52 -0.14
N VAL A 25 -8.78 -2.99 -1.08
CA VAL A 25 -9.42 -2.57 -2.37
C VAL A 25 -9.17 -3.65 -3.41
N HIS A 26 -8.20 -4.49 -3.20
CA HIS A 26 -7.91 -5.57 -4.17
C HIS A 26 -8.82 -6.77 -3.91
N THR A 27 -9.86 -6.58 -3.14
CA THR A 27 -10.77 -7.71 -2.84
C THR A 27 -11.73 -7.92 -4.02
N GLY A 28 -12.90 -8.43 -3.77
CA GLY A 28 -13.88 -8.65 -4.87
C GLY A 28 -14.51 -10.04 -4.73
N MET A 1 12.83 9.04 3.69
CA MET A 1 13.37 7.65 3.85
C MET A 1 12.61 6.72 2.91
N ARG A 2 13.30 5.79 2.29
CA ARG A 2 12.62 4.84 1.37
C ARG A 2 11.24 4.48 1.93
N PRO A 3 10.20 5.06 1.40
CA PRO A 3 8.81 4.80 1.85
C PRO A 3 8.25 3.49 1.28
N TYR A 4 7.08 3.10 1.72
CA TYR A 4 6.47 1.84 1.21
C TYR A 4 5.75 2.11 -0.11
N SER A 5 5.18 1.10 -0.70
CA SER A 5 4.47 1.30 -2.00
C SER A 5 3.55 0.11 -2.28
N CYS A 6 2.48 0.32 -2.98
CA CYS A 6 1.55 -0.81 -3.29
C CYS A 6 2.13 -1.65 -4.42
N SER A 7 2.58 -2.85 -4.12
CA SER A 7 3.15 -3.71 -5.19
C SER A 7 2.05 -4.12 -6.17
N VAL A 8 0.86 -3.58 -6.00
CA VAL A 8 -0.25 -3.93 -6.93
C VAL A 8 -0.69 -2.68 -7.69
N CYS A 9 -1.26 -1.74 -7.01
CA CYS A 9 -1.72 -0.49 -7.68
C CYS A 9 -0.51 0.27 -8.22
N GLY A 10 0.51 0.39 -7.41
CA GLY A 10 1.73 1.13 -7.87
C GLY A 10 1.73 2.54 -7.27
N LYS A 11 1.62 2.65 -5.98
CA LYS A 11 1.62 3.98 -5.33
C LYS A 11 2.69 4.02 -4.23
N ARG A 12 2.76 5.10 -3.50
CA ARG A 12 3.78 5.19 -2.42
C ARG A 12 3.10 5.50 -1.08
N PHE A 13 3.62 4.97 -0.01
CA PHE A 13 3.00 5.22 1.32
C PHE A 13 4.05 4.99 2.42
N SER A 14 4.05 5.80 3.44
CA SER A 14 5.04 5.62 4.53
C SER A 14 4.35 4.97 5.73
N LEU A 15 3.15 4.46 5.53
CA LEU A 15 2.43 3.80 6.65
C LEU A 15 2.10 2.36 6.26
N LYS A 16 2.87 1.42 6.71
CA LYS A 16 2.61 0.00 6.36
C LYS A 16 1.11 -0.29 6.51
N HIS A 17 0.55 0.03 7.64
CA HIS A 17 -0.91 -0.22 7.85
C HIS A 17 -1.70 0.47 6.74
N GLN A 18 -1.37 1.70 6.45
CA GLN A 18 -2.11 2.43 5.38
C GLN A 18 -2.01 1.63 4.08
N MET A 19 -0.82 1.30 3.66
CA MET A 19 -0.66 0.51 2.40
C MET A 19 -1.42 -0.81 2.57
N GLU A 20 -1.21 -1.48 3.67
CA GLU A 20 -1.92 -2.75 3.91
C GLU A 20 -3.42 -2.47 3.92
N THR A 21 -3.80 -1.35 4.46
CA THR A 21 -5.24 -0.98 4.49
C THR A 21 -5.68 -0.61 3.09
N HIS A 22 -4.74 -0.25 2.26
CA HIS A 22 -5.08 0.12 0.85
C HIS A 22 -5.37 -1.15 0.05
N TYR A 23 -4.72 -2.23 0.38
CA TYR A 23 -4.96 -3.50 -0.36
C TYR A 23 -6.43 -3.88 -0.24
N ARG A 24 -7.06 -3.55 0.85
CA ARG A 24 -8.50 -3.89 1.01
C ARG A 24 -9.27 -3.35 -0.18
N VAL A 25 -8.57 -2.77 -1.12
CA VAL A 25 -9.25 -2.21 -2.33
C VAL A 25 -9.10 -3.21 -3.48
N HIS A 26 -8.25 -4.18 -3.32
CA HIS A 26 -8.05 -5.19 -4.39
C HIS A 26 -9.12 -6.28 -4.26
N THR A 27 -10.08 -6.09 -3.40
CA THR A 27 -11.15 -7.11 -3.23
C THR A 27 -12.13 -7.03 -4.39
N GLY A 28 -11.66 -6.65 -5.56
CA GLY A 28 -12.58 -6.55 -6.73
C GLY A 28 -11.97 -7.28 -7.91
N MET A 1 13.65 7.04 6.86
CA MET A 1 13.52 7.56 5.46
C MET A 1 13.20 6.39 4.52
N ARG A 2 12.61 5.35 5.02
CA ARG A 2 12.28 4.18 4.15
C ARG A 2 10.77 3.99 4.11
N PRO A 3 10.11 4.66 3.20
CA PRO A 3 8.63 4.57 3.05
C PRO A 3 8.20 3.29 2.32
N TYR A 4 6.92 2.99 2.34
CA TYR A 4 6.44 1.75 1.65
C TYR A 4 5.79 2.14 0.33
N SER A 5 5.14 1.22 -0.33
CA SER A 5 4.48 1.54 -1.63
C SER A 5 3.49 0.43 -1.98
N CYS A 6 2.51 0.73 -2.79
CA CYS A 6 1.51 -0.31 -3.17
C CYS A 6 2.16 -1.29 -4.15
N SER A 7 2.03 -2.56 -3.91
CA SER A 7 2.64 -3.56 -4.83
C SER A 7 1.55 -4.21 -5.69
N VAL A 8 0.38 -3.65 -5.71
CA VAL A 8 -0.72 -4.23 -6.53
C VAL A 8 -1.33 -3.15 -7.43
N CYS A 9 -1.15 -1.90 -7.06
CA CYS A 9 -1.71 -0.80 -7.88
C CYS A 9 -0.60 0.22 -8.18
N GLY A 10 0.51 0.11 -7.50
CA GLY A 10 1.62 1.07 -7.76
C GLY A 10 1.36 2.38 -7.01
N LYS A 11 2.20 2.73 -6.07
CA LYS A 11 2.00 3.99 -5.31
C LYS A 11 3.04 4.09 -4.20
N ARG A 12 3.02 5.16 -3.44
CA ARG A 12 4.02 5.32 -2.36
C ARG A 12 3.30 5.61 -1.03
N PHE A 13 3.88 5.22 0.06
CA PHE A 13 3.25 5.49 1.39
C PHE A 13 4.30 5.40 2.49
N SER A 14 4.09 6.05 3.59
CA SER A 14 5.08 5.99 4.71
C SER A 14 4.49 5.16 5.85
N LEU A 15 3.40 4.49 5.61
CA LEU A 15 2.78 3.67 6.67
C LEU A 15 2.39 2.31 6.09
N LYS A 16 3.23 1.33 6.24
CA LYS A 16 2.91 -0.02 5.68
C LYS A 16 1.46 -0.38 6.04
N HIS A 17 0.98 0.08 7.16
CA HIS A 17 -0.43 -0.23 7.55
C HIS A 17 -1.38 0.47 6.58
N GLN A 18 -1.11 1.71 6.27
CA GLN A 18 -2.00 2.44 5.32
C GLN A 18 -2.09 1.66 4.01
N MET A 19 -0.96 1.35 3.42
CA MET A 19 -0.97 0.58 2.14
C MET A 19 -1.67 -0.76 2.40
N GLU A 20 -1.27 -1.45 3.42
CA GLU A 20 -1.91 -2.76 3.73
C GLU A 20 -3.42 -2.54 3.83
N THR A 21 -3.82 -1.44 4.40
CA THR A 21 -5.27 -1.15 4.52
C THR A 21 -5.81 -0.81 3.14
N HIS A 22 -4.95 -0.40 2.25
CA HIS A 22 -5.40 -0.05 0.88
C HIS A 22 -5.64 -1.34 0.09
N TYR A 23 -4.91 -2.38 0.38
CA TYR A 23 -5.11 -3.65 -0.35
C TYR A 23 -6.58 -4.04 -0.32
N ARG A 24 -7.28 -3.69 0.73
CA ARG A 24 -8.73 -4.03 0.80
C ARG A 24 -9.41 -3.52 -0.48
N VAL A 25 -8.65 -2.92 -1.35
CA VAL A 25 -9.22 -2.40 -2.62
C VAL A 25 -8.94 -3.42 -3.73
N HIS A 26 -8.06 -4.34 -3.48
CA HIS A 26 -7.73 -5.37 -4.51
C HIS A 26 -8.71 -6.54 -4.40
N THR A 27 -9.60 -6.49 -3.43
CA THR A 27 -10.58 -7.60 -3.27
C THR A 27 -9.87 -8.94 -3.46
N GLY A 28 -9.36 -9.51 -2.41
CA GLY A 28 -8.66 -10.82 -2.52
C GLY A 28 -7.15 -10.60 -2.40
N MET A 1 15.21 1.08 4.56
CA MET A 1 14.74 2.27 5.32
C MET A 1 14.12 3.28 4.37
N ARG A 2 13.40 2.81 3.37
CA ARG A 2 12.78 3.75 2.41
C ARG A 2 11.26 3.51 2.37
N PRO A 3 10.52 4.53 2.05
CA PRO A 3 9.03 4.45 1.97
C PRO A 3 8.55 3.16 1.29
N TYR A 4 7.31 2.80 1.48
CA TYR A 4 6.78 1.57 0.84
C TYR A 4 5.92 1.94 -0.36
N SER A 5 5.11 1.04 -0.83
CA SER A 5 4.25 1.35 -2.00
C SER A 5 3.09 0.36 -2.08
N CYS A 6 2.11 0.63 -2.90
CA CYS A 6 0.95 -0.31 -3.01
C CYS A 6 1.46 -1.70 -3.36
N SER A 7 2.70 -1.83 -3.77
CA SER A 7 3.24 -3.17 -4.13
C SER A 7 2.20 -3.90 -4.98
N VAL A 8 1.19 -3.21 -5.43
CA VAL A 8 0.14 -3.86 -6.26
C VAL A 8 -0.35 -2.86 -7.31
N CYS A 9 -0.81 -1.72 -6.87
CA CYS A 9 -1.31 -0.70 -7.83
C CYS A 9 -0.13 0.10 -8.39
N GLY A 10 0.73 0.57 -7.53
CA GLY A 10 1.91 1.35 -8.01
C GLY A 10 1.92 2.73 -7.34
N LYS A 11 1.57 2.80 -6.09
CA LYS A 11 1.57 4.11 -5.39
C LYS A 11 2.64 4.12 -4.30
N ARG A 12 2.78 5.20 -3.60
CA ARG A 12 3.82 5.26 -2.52
C ARG A 12 3.13 5.40 -1.17
N PHE A 13 3.73 4.89 -0.12
CA PHE A 13 3.12 4.99 1.22
C PHE A 13 4.20 4.81 2.30
N SER A 14 4.23 5.67 3.27
CA SER A 14 5.25 5.55 4.35
C SER A 14 4.65 4.81 5.54
N LEU A 15 3.47 4.28 5.37
CA LEU A 15 2.82 3.55 6.50
C LEU A 15 2.32 2.19 5.98
N LYS A 16 3.09 1.16 6.15
CA LYS A 16 2.66 -0.18 5.65
C LYS A 16 1.21 -0.44 6.08
N HIS A 17 0.85 -0.05 7.28
CA HIS A 17 -0.54 -0.27 7.75
C HIS A 17 -1.50 0.49 6.81
N GLN A 18 -1.19 1.72 6.50
CA GLN A 18 -2.07 2.50 5.60
C GLN A 18 -2.20 1.77 4.27
N MET A 19 -1.08 1.46 3.66
CA MET A 19 -1.13 0.72 2.36
C MET A 19 -1.80 -0.63 2.58
N GLU A 20 -1.38 -1.34 3.60
CA GLU A 20 -2.02 -2.65 3.87
C GLU A 20 -3.53 -2.45 3.97
N THR A 21 -3.94 -1.34 4.51
CA THR A 21 -5.39 -1.07 4.63
C THR A 21 -5.93 -0.75 3.24
N HIS A 22 -5.07 -0.34 2.36
CA HIS A 22 -5.52 -0.01 0.97
C HIS A 22 -5.76 -1.31 0.20
N TYR A 23 -5.03 -2.34 0.52
CA TYR A 23 -5.20 -3.64 -0.19
C TYR A 23 -6.69 -4.01 -0.20
N ARG A 24 -7.42 -3.62 0.82
CA ARG A 24 -8.86 -3.94 0.86
C ARG A 24 -9.48 -3.52 -0.48
N VAL A 25 -8.69 -2.94 -1.33
CA VAL A 25 -9.20 -2.51 -2.66
C VAL A 25 -8.87 -3.58 -3.69
N HIS A 26 -8.24 -4.64 -3.27
CA HIS A 26 -7.88 -5.73 -4.22
C HIS A 26 -8.80 -6.93 -3.98
N THR A 27 -9.78 -6.79 -3.13
CA THR A 27 -10.71 -7.92 -2.86
C THR A 27 -10.94 -8.71 -4.15
N GLY A 28 -11.41 -9.92 -4.05
CA GLY A 28 -11.67 -10.74 -5.27
C GLY A 28 -13.13 -10.56 -5.69
N MET A 1 15.93 6.79 3.75
CA MET A 1 15.20 6.58 2.46
C MET A 1 14.79 5.11 2.35
N ARG A 2 13.63 4.77 2.84
CA ARG A 2 13.17 3.36 2.75
C ARG A 2 11.66 3.30 2.98
N PRO A 3 10.92 4.09 2.26
CA PRO A 3 9.43 4.14 2.38
C PRO A 3 8.76 2.90 1.79
N TYR A 4 7.46 2.87 1.76
CA TYR A 4 6.75 1.68 1.20
C TYR A 4 5.97 2.09 -0.06
N SER A 5 5.32 1.16 -0.69
CA SER A 5 4.55 1.49 -1.92
C SER A 5 3.57 0.36 -2.23
N CYS A 6 2.51 0.65 -2.93
CA CYS A 6 1.53 -0.42 -3.27
C CYS A 6 2.18 -1.43 -4.21
N SER A 7 1.98 -2.70 -3.97
CA SER A 7 2.59 -3.74 -4.85
C SER A 7 1.52 -4.34 -5.74
N VAL A 8 0.53 -3.59 -6.10
CA VAL A 8 -0.54 -4.13 -6.99
C VAL A 8 -1.13 -3.00 -7.84
N CYS A 9 -1.19 -1.82 -7.30
CA CYS A 9 -1.74 -0.67 -8.07
C CYS A 9 -0.61 0.35 -8.32
N GLY A 10 0.49 0.21 -7.64
CA GLY A 10 1.62 1.16 -7.84
C GLY A 10 1.34 2.44 -7.06
N LYS A 11 2.18 2.77 -6.11
CA LYS A 11 1.97 4.01 -5.31
C LYS A 11 3.02 4.08 -4.19
N ARG A 12 3.01 5.14 -3.42
CA ARG A 12 4.01 5.27 -2.33
C ARG A 12 3.28 5.46 -0.98
N PHE A 13 3.85 4.98 0.08
CA PHE A 13 3.20 5.13 1.41
C PHE A 13 4.24 4.98 2.51
N SER A 14 4.25 5.87 3.47
CA SER A 14 5.24 5.76 4.57
C SER A 14 4.60 5.03 5.75
N LEU A 15 3.41 4.54 5.57
CA LEU A 15 2.72 3.82 6.68
C LEU A 15 2.24 2.46 6.15
N LYS A 16 3.00 1.42 6.36
CA LYS A 16 2.59 0.08 5.87
C LYS A 16 1.13 -0.17 6.25
N HIS A 17 0.79 0.00 7.49
CA HIS A 17 -0.63 -0.24 7.90
C HIS A 17 -1.57 0.54 6.97
N GLN A 18 -1.24 1.78 6.69
CA GLN A 18 -2.11 2.58 5.78
C GLN A 18 -2.22 1.87 4.43
N MET A 19 -1.11 1.56 3.82
CA MET A 19 -1.14 0.87 2.50
C MET A 19 -1.79 -0.50 2.69
N GLU A 20 -1.39 -1.21 3.70
CA GLU A 20 -1.99 -2.56 3.95
C GLU A 20 -3.50 -2.41 3.99
N THR A 21 -3.98 -1.32 4.52
CA THR A 21 -5.45 -1.10 4.59
C THR A 21 -5.94 -0.79 3.18
N HIS A 22 -5.06 -0.33 2.34
CA HIS A 22 -5.47 0.00 0.94
C HIS A 22 -5.60 -1.30 0.13
N TYR A 23 -4.82 -2.30 0.45
CA TYR A 23 -4.90 -3.58 -0.29
C TYR A 23 -6.36 -4.06 -0.32
N ARG A 24 -7.10 -3.80 0.72
CA ARG A 24 -8.52 -4.24 0.72
C ARG A 24 -9.20 -3.74 -0.56
N VAL A 25 -8.45 -3.07 -1.39
CA VAL A 25 -9.02 -2.55 -2.66
C VAL A 25 -8.66 -3.53 -3.79
N HIS A 26 -7.98 -4.58 -3.46
CA HIS A 26 -7.59 -5.58 -4.50
C HIS A 26 -8.53 -6.78 -4.42
N THR A 27 -9.78 -6.54 -4.10
CA THR A 27 -10.76 -7.66 -4.02
C THR A 27 -10.67 -8.52 -5.29
N GLY A 28 -10.52 -7.90 -6.42
CA GLY A 28 -10.43 -8.68 -7.69
C GLY A 28 -11.72 -9.49 -7.89
N MET A 1 13.25 2.95 -0.77
CA MET A 1 14.38 2.92 0.20
C MET A 1 13.85 3.14 1.62
N ARG A 2 13.39 4.33 1.90
CA ARG A 2 12.85 4.61 3.27
C ARG A 2 11.34 4.41 3.28
N PRO A 3 10.65 4.99 2.34
CA PRO A 3 9.17 4.89 2.24
C PRO A 3 8.71 3.55 1.65
N TYR A 4 7.46 3.23 1.79
CA TYR A 4 6.95 1.94 1.24
C TYR A 4 6.07 2.21 0.03
N SER A 5 5.47 1.20 -0.53
CA SER A 5 4.59 1.40 -1.72
C SER A 5 3.69 0.18 -1.91
N CYS A 6 2.65 0.32 -2.69
CA CYS A 6 1.73 -0.83 -2.92
C CYS A 6 2.37 -1.80 -3.93
N SER A 7 1.85 -2.99 -4.02
CA SER A 7 2.42 -3.97 -4.98
C SER A 7 1.32 -4.44 -5.94
N VAL A 8 0.32 -3.65 -6.14
CA VAL A 8 -0.79 -4.04 -7.06
C VAL A 8 -1.29 -2.80 -7.80
N CYS A 9 -1.35 -1.69 -7.13
CA CYS A 9 -1.83 -0.45 -7.78
C CYS A 9 -0.63 0.41 -8.18
N GLY A 10 0.42 0.36 -7.41
CA GLY A 10 1.62 1.16 -7.75
C GLY A 10 1.52 2.54 -7.09
N LYS A 11 1.88 2.65 -5.84
CA LYS A 11 1.78 3.97 -5.16
C LYS A 11 2.84 4.02 -4.04
N ARG A 12 2.91 5.11 -3.33
CA ARG A 12 3.92 5.23 -2.24
C ARG A 12 3.21 5.49 -0.91
N PHE A 13 3.73 4.96 0.16
CA PHE A 13 3.10 5.20 1.50
C PHE A 13 4.13 5.00 2.60
N SER A 14 4.21 5.93 3.53
CA SER A 14 5.20 5.79 4.62
C SER A 14 4.58 5.00 5.78
N LEU A 15 3.34 4.60 5.63
CA LEU A 15 2.68 3.83 6.72
C LEU A 15 2.24 2.48 6.17
N LYS A 16 3.03 1.45 6.39
CA LYS A 16 2.66 0.10 5.86
C LYS A 16 1.20 -0.19 6.18
N HIS A 17 0.75 0.18 7.36
CA HIS A 17 -0.67 -0.09 7.71
C HIS A 17 -1.59 0.64 6.72
N GLN A 18 -1.29 1.87 6.41
CA GLN A 18 -2.13 2.61 5.43
C GLN A 18 -2.17 1.84 4.11
N MET A 19 -1.03 1.53 3.57
CA MET A 19 -0.99 0.76 2.28
C MET A 19 -1.66 -0.59 2.51
N GLU A 20 -1.29 -1.28 3.54
CA GLU A 20 -1.91 -2.60 3.81
C GLU A 20 -3.42 -2.42 3.86
N THR A 21 -3.86 -1.31 4.40
CA THR A 21 -5.33 -1.06 4.47
C THR A 21 -5.83 -0.74 3.06
N HIS A 22 -4.93 -0.32 2.20
CA HIS A 22 -5.34 0.00 0.80
C HIS A 22 -5.54 -1.30 0.02
N TYR A 23 -4.76 -2.31 0.34
CA TYR A 23 -4.90 -3.61 -0.38
C TYR A 23 -6.36 -4.04 -0.38
N ARG A 24 -7.06 -3.81 0.70
CA ARG A 24 -8.49 -4.20 0.75
C ARG A 24 -9.17 -3.74 -0.54
N VAL A 25 -8.46 -3.02 -1.36
CA VAL A 25 -9.04 -2.53 -2.63
C VAL A 25 -8.66 -3.50 -3.75
N HIS A 26 -8.05 -4.60 -3.39
CA HIS A 26 -7.64 -5.60 -4.43
C HIS A 26 -8.59 -6.79 -4.39
N THR A 27 -8.67 -7.46 -3.26
CA THR A 27 -9.58 -8.64 -3.17
C THR A 27 -10.91 -8.21 -2.54
N GLY A 28 -11.26 -6.95 -2.65
CA GLY A 28 -12.54 -6.48 -2.07
C GLY A 28 -12.60 -6.85 -0.60
N MET A 1 10.65 8.40 7.40
CA MET A 1 11.77 7.63 6.80
C MET A 1 11.30 6.22 6.45
N ARG A 2 12.13 5.46 5.80
CA ARG A 2 11.72 4.07 5.43
C ARG A 2 10.30 4.08 4.86
N PRO A 3 10.13 4.70 3.73
CA PRO A 3 8.79 4.79 3.06
C PRO A 3 8.37 3.46 2.42
N TYR A 4 7.19 3.41 1.88
CA TYR A 4 6.72 2.15 1.25
C TYR A 4 5.99 2.47 -0.06
N SER A 5 5.36 1.50 -0.66
CA SER A 5 4.63 1.75 -1.93
C SER A 5 3.69 0.58 -2.22
N CYS A 6 2.61 0.84 -2.92
CA CYS A 6 1.65 -0.26 -3.22
C CYS A 6 2.36 -1.35 -4.02
N SER A 7 1.94 -2.58 -3.87
CA SER A 7 2.58 -3.69 -4.62
C SER A 7 1.56 -4.34 -5.56
N VAL A 8 0.42 -3.73 -5.73
CA VAL A 8 -0.60 -4.32 -6.64
C VAL A 8 -1.12 -3.24 -7.59
N CYS A 9 -1.04 -2.00 -7.19
CA CYS A 9 -1.53 -0.91 -8.08
C CYS A 9 -0.39 0.08 -8.33
N GLY A 10 0.64 0.03 -7.53
CA GLY A 10 1.79 0.97 -7.72
C GLY A 10 1.47 2.31 -7.06
N LYS A 11 2.26 2.72 -6.11
CA LYS A 11 2.01 4.01 -5.41
C LYS A 11 3.02 4.19 -4.27
N ARG A 12 2.92 5.28 -3.55
CA ARG A 12 3.88 5.51 -2.44
C ARG A 12 3.12 5.58 -1.11
N PHE A 13 3.72 5.10 -0.04
CA PHE A 13 3.05 5.13 1.28
C PHE A 13 4.11 5.04 2.38
N SER A 14 4.01 5.85 3.40
CA SER A 14 5.00 5.80 4.50
C SER A 14 4.40 5.05 5.69
N LEU A 15 3.32 4.35 5.46
CA LEU A 15 2.68 3.59 6.57
C LEU A 15 2.23 2.23 6.05
N LYS A 16 3.04 1.22 6.19
CA LYS A 16 2.66 -0.13 5.70
C LYS A 16 1.21 -0.43 6.12
N HIS A 17 0.87 -0.17 7.36
CA HIS A 17 -0.52 -0.44 7.80
C HIS A 17 -1.49 0.33 6.90
N GLN A 18 -1.20 1.57 6.62
CA GLN A 18 -2.10 2.35 5.73
C GLN A 18 -2.16 1.67 4.37
N MET A 19 -1.02 1.37 3.79
CA MET A 19 -1.01 0.68 2.47
C MET A 19 -1.69 -0.68 2.61
N GLU A 20 -1.30 -1.43 3.61
CA GLU A 20 -1.93 -2.76 3.82
C GLU A 20 -3.44 -2.57 3.92
N THR A 21 -3.86 -1.50 4.53
CA THR A 21 -5.32 -1.24 4.66
C THR A 21 -5.84 -0.83 3.29
N HIS A 22 -4.98 -0.36 2.43
CA HIS A 22 -5.42 0.04 1.07
C HIS A 22 -5.64 -1.20 0.22
N TYR A 23 -4.91 -2.24 0.47
CA TYR A 23 -5.08 -3.49 -0.32
C TYR A 23 -6.56 -3.89 -0.33
N ARG A 24 -7.27 -3.57 0.71
CA ARG A 24 -8.72 -3.92 0.75
C ARG A 24 -9.38 -3.37 -0.52
N VAL A 25 -8.61 -2.77 -1.37
CA VAL A 25 -9.17 -2.19 -2.62
C VAL A 25 -8.91 -3.18 -3.77
N HIS A 26 -8.02 -4.11 -3.56
CA HIS A 26 -7.72 -5.10 -4.62
C HIS A 26 -8.73 -6.25 -4.55
N THR A 27 -9.61 -6.21 -3.59
CA THR A 27 -10.63 -7.29 -3.45
C THR A 27 -11.10 -7.73 -4.84
N GLY A 28 -10.92 -6.88 -5.83
CA GLY A 28 -11.36 -7.26 -7.20
C GLY A 28 -11.27 -6.03 -8.12
N MET A 1 15.06 4.31 1.07
CA MET A 1 13.99 3.27 1.06
C MET A 1 13.31 3.23 2.43
N ARG A 2 12.93 4.37 2.95
CA ARG A 2 12.27 4.39 4.29
C ARG A 2 10.77 4.14 4.13
N PRO A 3 10.14 4.82 3.21
CA PRO A 3 8.68 4.68 2.95
C PRO A 3 8.35 3.40 2.16
N TYR A 4 7.09 3.08 2.03
CA TYR A 4 6.71 1.85 1.28
C TYR A 4 5.95 2.23 0.01
N SER A 5 5.31 1.28 -0.62
CA SER A 5 4.56 1.59 -1.87
C SER A 5 3.58 0.46 -2.16
N CYS A 6 2.52 0.74 -2.87
CA CYS A 6 1.53 -0.34 -3.17
C CYS A 6 2.21 -1.44 -3.98
N SER A 7 1.75 -2.65 -3.86
CA SER A 7 2.39 -3.78 -4.62
C SER A 7 1.38 -4.36 -5.61
N VAL A 8 0.36 -3.62 -5.95
CA VAL A 8 -0.64 -4.13 -6.92
C VAL A 8 -1.13 -2.99 -7.81
N CYS A 9 -1.21 -1.81 -7.28
CA CYS A 9 -1.67 -0.65 -8.09
C CYS A 9 -0.49 0.30 -8.33
N GLY A 10 0.59 0.12 -7.61
CA GLY A 10 1.76 1.01 -7.81
C GLY A 10 1.49 2.36 -7.13
N LYS A 11 2.23 2.67 -6.10
CA LYS A 11 2.02 3.97 -5.40
C LYS A 11 3.02 4.10 -4.24
N ARG A 12 2.96 5.17 -3.51
CA ARG A 12 3.92 5.36 -2.38
C ARG A 12 3.14 5.44 -1.07
N PHE A 13 3.75 5.03 0.02
CA PHE A 13 3.05 5.09 1.34
C PHE A 13 4.09 5.00 2.46
N SER A 14 4.01 5.87 3.42
CA SER A 14 4.98 5.83 4.55
C SER A 14 4.34 5.12 5.74
N LEU A 15 3.20 4.52 5.51
CA LEU A 15 2.52 3.80 6.62
C LEU A 15 2.16 2.39 6.14
N LYS A 16 2.98 1.43 6.47
CA LYS A 16 2.69 0.02 6.02
C LYS A 16 1.23 -0.31 6.29
N HIS A 17 0.71 0.09 7.43
CA HIS A 17 -0.71 -0.20 7.73
C HIS A 17 -1.61 0.49 6.71
N GLN A 18 -1.33 1.74 6.42
CA GLN A 18 -2.16 2.48 5.42
C GLN A 18 -2.13 1.71 4.09
N MET A 19 -0.96 1.35 3.64
CA MET A 19 -0.88 0.58 2.36
C MET A 19 -1.53 -0.78 2.54
N GLU A 20 -1.17 -1.47 3.60
CA GLU A 20 -1.78 -2.80 3.85
C GLU A 20 -3.29 -2.64 3.94
N THR A 21 -3.73 -1.58 4.55
CA THR A 21 -5.20 -1.34 4.68
C THR A 21 -5.73 -0.93 3.31
N HIS A 22 -4.87 -0.45 2.46
CA HIS A 22 -5.31 -0.03 1.10
C HIS A 22 -5.52 -1.26 0.24
N TYR A 23 -4.77 -2.31 0.47
CA TYR A 23 -4.93 -3.54 -0.35
C TYR A 23 -6.42 -3.94 -0.38
N ARG A 24 -7.12 -3.74 0.70
CA ARG A 24 -8.57 -4.09 0.71
C ARG A 24 -9.23 -3.45 -0.50
N VAL A 25 -8.47 -2.71 -1.26
CA VAL A 25 -9.03 -2.05 -2.48
C VAL A 25 -8.73 -2.94 -3.69
N HIS A 26 -8.16 -4.09 -3.45
CA HIS A 26 -7.82 -5.00 -4.57
C HIS A 26 -8.86 -6.13 -4.64
N THR A 27 -9.98 -5.95 -4.00
CA THR A 27 -11.04 -7.02 -4.02
C THR A 27 -12.34 -6.43 -4.56
N GLY A 28 -13.42 -7.14 -4.45
CA GLY A 28 -14.72 -6.62 -4.96
C GLY A 28 -15.84 -7.59 -4.56
N MET A 1 16.34 4.76 3.94
CA MET A 1 14.90 4.82 4.34
C MET A 1 14.02 4.85 3.09
N ARG A 2 13.89 3.74 2.42
CA ARG A 2 13.04 3.70 1.19
C ARG A 2 11.57 3.70 1.59
N PRO A 3 10.76 4.44 0.87
CA PRO A 3 9.30 4.53 1.15
C PRO A 3 8.55 3.26 0.76
N TYR A 4 7.39 3.04 1.31
CA TYR A 4 6.62 1.81 0.97
C TYR A 4 5.85 2.05 -0.34
N SER A 5 5.23 1.04 -0.87
CA SER A 5 4.47 1.22 -2.14
C SER A 5 3.31 0.21 -2.18
N CYS A 6 2.28 0.51 -2.93
CA CYS A 6 1.13 -0.44 -3.01
C CYS A 6 1.63 -1.81 -3.49
N SER A 7 2.77 -1.84 -4.13
CA SER A 7 3.31 -3.14 -4.62
C SER A 7 2.23 -3.93 -5.35
N VAL A 8 1.16 -3.27 -5.73
CA VAL A 8 0.06 -3.97 -6.44
C VAL A 8 -0.57 -3.01 -7.44
N CYS A 9 -0.70 -1.77 -7.06
CA CYS A 9 -1.30 -0.76 -7.98
C CYS A 9 -0.20 0.17 -8.49
N GLY A 10 0.75 0.48 -7.66
CA GLY A 10 1.86 1.39 -8.09
C GLY A 10 1.73 2.73 -7.39
N LYS A 11 1.87 2.76 -6.09
CA LYS A 11 1.75 4.05 -5.36
C LYS A 11 2.80 4.08 -4.25
N ARG A 12 2.86 5.16 -3.50
CA ARG A 12 3.86 5.25 -2.40
C ARG A 12 3.15 5.38 -1.06
N PHE A 13 3.72 4.84 -0.02
CA PHE A 13 3.09 4.95 1.32
C PHE A 13 4.15 4.82 2.41
N SER A 14 4.15 5.71 3.37
CA SER A 14 5.15 5.62 4.46
C SER A 14 4.52 4.89 5.65
N LEU A 15 3.33 4.39 5.47
CA LEU A 15 2.66 3.66 6.58
C LEU A 15 2.21 2.29 6.07
N LYS A 16 2.98 1.28 6.33
CA LYS A 16 2.60 -0.08 5.85
C LYS A 16 1.12 -0.33 6.16
N HIS A 17 0.69 -0.02 7.35
CA HIS A 17 -0.74 -0.23 7.71
C HIS A 17 -1.61 0.48 6.68
N GLN A 18 -1.27 1.71 6.35
CA GLN A 18 -2.09 2.46 5.35
C GLN A 18 -2.13 1.66 4.05
N MET A 19 -0.99 1.31 3.52
CA MET A 19 -0.96 0.52 2.26
C MET A 19 -1.67 -0.80 2.49
N GLU A 20 -1.34 -1.48 3.56
CA GLU A 20 -2.01 -2.78 3.85
C GLU A 20 -3.51 -2.52 3.98
N THR A 21 -3.87 -1.43 4.57
CA THR A 21 -5.32 -1.10 4.72
C THR A 21 -5.87 -0.74 3.34
N HIS A 22 -5.01 -0.34 2.45
CA HIS A 22 -5.47 0.04 1.08
C HIS A 22 -5.74 -1.24 0.29
N TYR A 23 -5.01 -2.28 0.55
CA TYR A 23 -5.22 -3.56 -0.18
C TYR A 23 -6.70 -3.94 -0.13
N ARG A 24 -7.37 -3.60 0.94
CA ARG A 24 -8.81 -3.94 1.04
C ARG A 24 -9.53 -3.43 -0.22
N VAL A 25 -8.78 -2.83 -1.11
CA VAL A 25 -9.38 -2.30 -2.35
C VAL A 25 -9.15 -3.31 -3.49
N HIS A 26 -8.24 -4.21 -3.29
CA HIS A 26 -7.95 -5.23 -4.34
C HIS A 26 -8.96 -6.38 -4.23
N THR A 27 -9.11 -6.93 -3.06
CA THR A 27 -10.08 -8.05 -2.89
C THR A 27 -9.53 -9.31 -3.56
N GLY A 28 -9.54 -9.34 -4.88
CA GLY A 28 -9.02 -10.55 -5.60
C GLY A 28 -9.98 -11.72 -5.40
N MET A 1 10.88 3.97 9.33
CA MET A 1 11.84 4.13 8.19
C MET A 1 11.49 3.13 7.09
N ARG A 2 12.34 2.99 6.11
CA ARG A 2 12.05 2.04 5.00
C ARG A 2 10.67 2.34 4.42
N PRO A 3 10.59 3.33 3.57
CA PRO A 3 9.31 3.74 2.93
C PRO A 3 8.55 2.55 2.34
N TYR A 4 7.27 2.70 2.13
CA TYR A 4 6.47 1.57 1.56
C TYR A 4 5.71 2.05 0.33
N SER A 5 5.06 1.16 -0.36
CA SER A 5 4.29 1.57 -1.58
C SER A 5 3.32 0.44 -1.96
N CYS A 6 2.39 0.73 -2.82
CA CYS A 6 1.41 -0.32 -3.23
C CYS A 6 2.08 -1.30 -4.19
N SER A 7 2.13 -2.55 -3.85
CA SER A 7 2.78 -3.55 -4.74
C SER A 7 1.72 -4.23 -5.61
N VAL A 8 0.63 -3.56 -5.86
CA VAL A 8 -0.43 -4.16 -6.70
C VAL A 8 -1.03 -3.09 -7.60
N CYS A 9 -1.05 -1.87 -7.15
CA CYS A 9 -1.62 -0.78 -7.98
C CYS A 9 -0.55 0.29 -8.22
N GLY A 10 0.61 0.11 -7.66
CA GLY A 10 1.70 1.12 -7.85
C GLY A 10 1.33 2.40 -7.11
N LYS A 11 2.12 2.79 -6.14
CA LYS A 11 1.83 4.04 -5.38
C LYS A 11 2.85 4.21 -4.26
N ARG A 12 2.83 5.33 -3.58
CA ARG A 12 3.80 5.55 -2.49
C ARG A 12 3.07 5.55 -1.14
N PHE A 13 3.74 5.15 -0.10
CA PHE A 13 3.09 5.12 1.24
C PHE A 13 4.16 5.02 2.33
N SER A 14 4.09 5.84 3.34
CA SER A 14 5.10 5.78 4.43
C SER A 14 4.48 5.09 5.63
N LEU A 15 3.37 4.43 5.42
CA LEU A 15 2.71 3.71 6.54
C LEU A 15 2.29 2.32 6.07
N LYS A 16 3.09 1.33 6.35
CA LYS A 16 2.75 -0.06 5.91
C LYS A 16 1.29 -0.35 6.23
N HIS A 17 0.85 0.02 7.40
CA HIS A 17 -0.58 -0.24 7.77
C HIS A 17 -1.49 0.45 6.76
N GLN A 18 -1.21 1.68 6.42
CA GLN A 18 -2.06 2.39 5.43
C GLN A 18 -2.05 1.61 4.12
N MET A 19 -0.90 1.33 3.59
CA MET A 19 -0.83 0.56 2.31
C MET A 19 -1.53 -0.78 2.53
N GLU A 20 -1.20 -1.46 3.58
CA GLU A 20 -1.85 -2.75 3.87
C GLU A 20 -3.37 -2.53 3.95
N THR A 21 -3.75 -1.43 4.53
CA THR A 21 -5.20 -1.12 4.64
C THR A 21 -5.73 -0.78 3.25
N HIS A 22 -4.86 -0.37 2.38
CA HIS A 22 -5.29 -0.03 0.99
C HIS A 22 -5.56 -1.31 0.20
N TYR A 23 -4.85 -2.36 0.51
CA TYR A 23 -5.05 -3.63 -0.23
C TYR A 23 -6.55 -3.98 -0.25
N ARG A 24 -7.27 -3.56 0.76
CA ARG A 24 -8.74 -3.85 0.77
C ARG A 24 -9.34 -3.36 -0.54
N VAL A 25 -8.51 -2.78 -1.38
CA VAL A 25 -9.01 -2.27 -2.69
C VAL A 25 -8.70 -3.30 -3.78
N HIS A 26 -8.05 -4.37 -3.40
CA HIS A 26 -7.69 -5.42 -4.40
C HIS A 26 -8.71 -6.55 -4.31
N THR A 27 -9.63 -6.48 -3.39
CA THR A 27 -10.65 -7.55 -3.26
C THR A 27 -11.09 -8.02 -4.65
N GLY A 28 -11.54 -7.12 -5.46
CA GLY A 28 -11.98 -7.50 -6.83
C GLY A 28 -10.82 -8.18 -7.58
N MET A 1 15.89 4.97 7.10
CA MET A 1 14.53 4.36 7.02
C MET A 1 13.78 4.96 5.83
N ARG A 2 13.33 4.13 4.92
CA ARG A 2 12.60 4.65 3.73
C ARG A 2 11.14 4.18 3.78
N PRO A 3 10.27 4.91 3.15
CA PRO A 3 8.81 4.58 3.12
C PRO A 3 8.53 3.31 2.30
N TYR A 4 7.28 3.00 2.08
CA TYR A 4 6.94 1.78 1.29
C TYR A 4 5.97 2.14 0.16
N SER A 5 5.56 1.18 -0.60
CA SER A 5 4.62 1.47 -1.73
C SER A 5 3.75 0.23 -1.99
N CYS A 6 2.67 0.41 -2.70
CA CYS A 6 1.78 -0.76 -2.99
C CYS A 6 2.46 -1.69 -4.00
N SER A 7 2.01 -2.91 -4.09
CA SER A 7 2.62 -3.87 -5.06
C SER A 7 1.53 -4.47 -5.95
N VAL A 8 0.44 -3.76 -6.13
CA VAL A 8 -0.65 -4.30 -6.99
C VAL A 8 -1.19 -3.16 -7.86
N CYS A 9 -1.25 -1.98 -7.30
CA CYS A 9 -1.76 -0.82 -8.07
C CYS A 9 -0.60 0.13 -8.37
N GLY A 10 0.36 0.21 -7.49
CA GLY A 10 1.52 1.10 -7.72
C GLY A 10 1.29 2.45 -7.05
N LYS A 11 1.65 2.57 -5.80
CA LYS A 11 1.46 3.86 -5.07
C LYS A 11 2.55 4.01 -4.01
N ARG A 12 2.49 5.04 -3.22
CA ARG A 12 3.53 5.24 -2.18
C ARG A 12 2.87 5.49 -0.82
N PHE A 13 3.51 5.09 0.24
CA PHE A 13 2.93 5.31 1.60
C PHE A 13 4.04 5.17 2.65
N SER A 14 4.02 5.99 3.66
CA SER A 14 5.06 5.89 4.71
C SER A 14 4.52 5.05 5.87
N LEU A 15 3.31 4.57 5.74
CA LEU A 15 2.72 3.74 6.82
C LEU A 15 2.33 2.38 6.25
N LYS A 16 3.16 1.39 6.43
CA LYS A 16 2.83 0.04 5.89
C LYS A 16 1.38 -0.31 6.22
N HIS A 17 0.88 0.15 7.34
CA HIS A 17 -0.53 -0.15 7.70
C HIS A 17 -1.47 0.55 6.72
N GLN A 18 -1.22 1.80 6.43
CA GLN A 18 -2.09 2.54 5.47
C GLN A 18 -2.10 1.79 4.14
N MET A 19 -0.95 1.54 3.59
CA MET A 19 -0.88 0.79 2.30
C MET A 19 -1.56 -0.56 2.48
N GLU A 20 -1.20 -1.27 3.52
CA GLU A 20 -1.82 -2.58 3.77
C GLU A 20 -3.33 -2.40 3.84
N THR A 21 -3.76 -1.31 4.39
CA THR A 21 -5.22 -1.04 4.48
C THR A 21 -5.73 -0.71 3.08
N HIS A 22 -4.84 -0.28 2.22
CA HIS A 22 -5.27 0.06 0.83
C HIS A 22 -5.49 -1.23 0.05
N TYR A 23 -4.77 -2.26 0.36
CA TYR A 23 -4.95 -3.54 -0.37
C TYR A 23 -6.43 -3.91 -0.39
N ARG A 24 -7.15 -3.54 0.63
CA ARG A 24 -8.61 -3.86 0.67
C ARG A 24 -9.24 -3.35 -0.62
N VAL A 25 -8.45 -2.78 -1.49
CA VAL A 25 -8.99 -2.25 -2.77
C VAL A 25 -8.73 -3.27 -3.88
N HIS A 26 -8.07 -4.34 -3.55
CA HIS A 26 -7.78 -5.37 -4.58
C HIS A 26 -8.83 -6.48 -4.50
N THR A 27 -9.20 -6.86 -3.31
CA THR A 27 -10.23 -7.93 -3.16
C THR A 27 -9.71 -9.23 -3.79
N GLY A 28 -10.59 -10.12 -4.14
CA GLY A 28 -10.15 -11.40 -4.76
C GLY A 28 -10.01 -11.22 -6.27
N MET A 1 14.33 4.88 8.40
CA MET A 1 13.80 5.35 7.08
C MET A 1 13.46 4.14 6.21
N ARG A 2 12.26 3.65 6.30
CA ARG A 2 11.87 2.46 5.48
C ARG A 2 10.45 2.67 4.94
N PRO A 3 10.31 3.48 3.92
CA PRO A 3 9.00 3.77 3.29
C PRO A 3 8.46 2.58 2.50
N TYR A 4 7.22 2.64 2.09
CA TYR A 4 6.66 1.49 1.31
C TYR A 4 5.93 2.02 0.07
N SER A 5 5.28 1.15 -0.65
CA SER A 5 4.54 1.58 -1.87
C SER A 5 3.56 0.49 -2.29
N CYS A 6 2.55 0.81 -3.04
CA CYS A 6 1.56 -0.22 -3.46
C CYS A 6 2.23 -1.19 -4.43
N SER A 7 2.26 -2.46 -4.09
CA SER A 7 2.89 -3.46 -4.99
C SER A 7 1.81 -4.14 -5.83
N VAL A 8 0.66 -3.54 -5.93
CA VAL A 8 -0.44 -4.16 -6.74
C VAL A 8 -1.05 -3.09 -7.64
N CYS A 9 -1.02 -1.86 -7.23
CA CYS A 9 -1.62 -0.77 -8.07
C CYS A 9 -0.55 0.28 -8.38
N GLY A 10 0.55 0.25 -7.67
CA GLY A 10 1.63 1.24 -7.92
C GLY A 10 1.34 2.54 -7.16
N LYS A 11 2.17 2.87 -6.21
CA LYS A 11 1.95 4.12 -5.43
C LYS A 11 2.98 4.21 -4.31
N ARG A 12 2.91 5.22 -3.49
CA ARG A 12 3.90 5.35 -2.38
C ARG A 12 3.17 5.43 -1.04
N PHE A 13 3.76 4.91 0.00
CA PHE A 13 3.12 4.96 1.34
C PHE A 13 4.18 4.79 2.42
N SER A 14 4.17 5.63 3.42
CA SER A 14 5.17 5.50 4.51
C SER A 14 4.49 4.85 5.72
N LEU A 15 3.33 4.29 5.52
CA LEU A 15 2.60 3.64 6.64
C LEU A 15 2.16 2.25 6.20
N LYS A 16 2.90 1.24 6.54
CA LYS A 16 2.52 -0.14 6.13
C LYS A 16 1.04 -0.36 6.40
N HIS A 17 0.55 0.10 7.52
CA HIS A 17 -0.89 -0.08 7.84
C HIS A 17 -1.74 0.66 6.80
N GLN A 18 -1.38 1.87 6.47
CA GLN A 18 -2.16 2.63 5.46
C GLN A 18 -2.18 1.84 4.15
N MET A 19 -1.03 1.48 3.65
CA MET A 19 -0.98 0.70 2.38
C MET A 19 -1.70 -0.62 2.61
N GLU A 20 -1.38 -1.31 3.66
CA GLU A 20 -2.05 -2.60 3.95
C GLU A 20 -3.56 -2.37 3.96
N THR A 21 -3.98 -1.25 4.47
CA THR A 21 -5.44 -0.95 4.49
C THR A 21 -5.88 -0.64 3.07
N HIS A 22 -4.97 -0.23 2.24
CA HIS A 22 -5.32 0.08 0.83
C HIS A 22 -5.48 -1.22 0.05
N TYR A 23 -4.75 -2.24 0.43
CA TYR A 23 -4.86 -3.54 -0.29
C TYR A 23 -6.30 -4.04 -0.22
N ARG A 24 -6.94 -3.90 0.91
CA ARG A 24 -8.35 -4.36 1.02
C ARG A 24 -9.13 -3.81 -0.17
N VAL A 25 -8.49 -2.99 -0.96
CA VAL A 25 -9.16 -2.40 -2.15
C VAL A 25 -8.82 -3.26 -3.37
N HIS A 26 -8.09 -4.32 -3.16
CA HIS A 26 -7.71 -5.20 -4.29
C HIS A 26 -8.67 -6.40 -4.35
N THR A 27 -9.04 -6.91 -3.21
CA THR A 27 -9.98 -8.08 -3.17
C THR A 27 -10.37 -8.37 -1.73
N GLY A 28 -11.58 -8.84 -1.52
CA GLY A 28 -12.02 -9.16 -0.13
C GLY A 28 -13.35 -9.92 -0.17
N MET A 1 12.54 1.35 7.33
CA MET A 1 13.66 2.28 6.99
C MET A 1 13.15 3.34 6.01
N ARG A 2 12.79 2.93 4.82
CA ARG A 2 12.28 3.92 3.82
C ARG A 2 10.81 3.65 3.53
N PRO A 3 10.08 4.67 3.16
CA PRO A 3 8.63 4.54 2.83
C PRO A 3 8.32 3.27 2.05
N TYR A 4 7.08 2.86 2.03
CA TYR A 4 6.71 1.62 1.28
C TYR A 4 5.90 2.00 0.04
N SER A 5 5.46 1.02 -0.70
CA SER A 5 4.66 1.33 -1.93
C SER A 5 3.72 0.16 -2.22
N CYS A 6 2.65 0.41 -2.92
CA CYS A 6 1.69 -0.69 -3.23
C CYS A 6 2.30 -1.61 -4.28
N SER A 7 2.11 -2.89 -4.13
CA SER A 7 2.68 -3.85 -5.12
C SER A 7 1.55 -4.40 -5.99
N VAL A 8 0.55 -3.60 -6.25
CA VAL A 8 -0.58 -4.08 -7.10
C VAL A 8 -1.11 -2.91 -7.93
N CYS A 9 -1.13 -1.74 -7.35
CA CYS A 9 -1.64 -0.55 -8.09
C CYS A 9 -0.45 0.35 -8.44
N GLY A 10 0.55 0.38 -7.62
CA GLY A 10 1.73 1.24 -7.90
C GLY A 10 1.56 2.60 -7.23
N LYS A 11 1.84 2.68 -5.95
CA LYS A 11 1.70 3.98 -5.24
C LYS A 11 2.76 4.06 -4.14
N ARG A 12 2.72 5.09 -3.33
CA ARG A 12 3.74 5.22 -2.25
C ARG A 12 3.08 5.59 -0.92
N PHE A 13 3.63 5.11 0.16
CA PHE A 13 3.05 5.44 1.50
C PHE A 13 4.13 5.19 2.57
N SER A 14 4.09 5.95 3.64
CA SER A 14 5.10 5.77 4.72
C SER A 14 4.45 5.02 5.88
N LEU A 15 3.24 4.56 5.69
CA LEU A 15 2.55 3.83 6.78
C LEU A 15 2.20 2.42 6.29
N LYS A 16 2.99 1.44 6.65
CA LYS A 16 2.70 0.05 6.19
C LYS A 16 1.21 -0.24 6.39
N HIS A 17 0.68 0.09 7.53
CA HIS A 17 -0.77 -0.18 7.77
C HIS A 17 -1.60 0.57 6.72
N GLN A 18 -1.26 1.80 6.47
CA GLN A 18 -2.01 2.57 5.44
C GLN A 18 -2.00 1.81 4.13
N MET A 19 -0.84 1.46 3.65
CA MET A 19 -0.76 0.69 2.37
C MET A 19 -1.51 -0.62 2.54
N GLU A 20 -1.24 -1.33 3.60
CA GLU A 20 -1.95 -2.61 3.84
C GLU A 20 -3.46 -2.34 3.87
N THR A 21 -3.85 -1.25 4.45
CA THR A 21 -5.30 -0.91 4.50
C THR A 21 -5.79 -0.63 3.08
N HIS A 22 -4.89 -0.28 2.20
CA HIS A 22 -5.29 0.01 0.80
C HIS A 22 -5.55 -1.31 0.07
N TYR A 23 -4.79 -2.32 0.36
CA TYR A 23 -4.99 -3.64 -0.31
C TYR A 23 -6.46 -4.04 -0.20
N ARG A 24 -7.12 -3.65 0.86
CA ARG A 24 -8.56 -4.01 1.02
C ARG A 24 -9.29 -3.58 -0.24
N VAL A 25 -8.59 -3.02 -1.19
CA VAL A 25 -9.22 -2.58 -2.45
C VAL A 25 -8.98 -3.63 -3.54
N HIS A 26 -8.01 -4.48 -3.32
CA HIS A 26 -7.71 -5.54 -4.33
C HIS A 26 -8.67 -6.71 -4.14
N THR A 27 -9.80 -6.47 -3.54
CA THR A 27 -10.79 -7.56 -3.33
C THR A 27 -11.44 -7.94 -4.66
N GLY A 28 -12.72 -7.70 -4.80
CA GLY A 28 -13.41 -8.05 -6.07
C GLY A 28 -13.33 -9.56 -6.31
N MET A 1 15.51 0.86 5.29
CA MET A 1 14.22 1.26 5.94
C MET A 1 13.68 2.51 5.24
N ARG A 2 13.15 2.36 4.06
CA ARG A 2 12.60 3.53 3.33
C ARG A 2 11.07 3.43 3.28
N PRO A 3 10.41 4.52 2.95
CA PRO A 3 8.93 4.55 2.85
C PRO A 3 8.34 3.31 2.18
N TYR A 4 7.08 3.05 2.38
CA TYR A 4 6.46 1.85 1.77
C TYR A 4 5.81 2.23 0.43
N SER A 5 5.18 1.30 -0.22
CA SER A 5 4.53 1.61 -1.53
C SER A 5 3.55 0.50 -1.88
N CYS A 6 2.60 0.77 -2.74
CA CYS A 6 1.61 -0.28 -3.11
C CYS A 6 2.34 -1.42 -3.84
N SER A 7 1.74 -2.57 -3.91
CA SER A 7 2.40 -3.72 -4.61
C SER A 7 1.42 -4.34 -5.60
N VAL A 8 0.32 -3.69 -5.86
CA VAL A 8 -0.67 -4.25 -6.82
C VAL A 8 -1.16 -3.13 -7.74
N CYS A 9 -1.22 -1.93 -7.23
CA CYS A 9 -1.69 -0.79 -8.06
C CYS A 9 -0.53 0.18 -8.29
N GLY A 10 0.55 0.00 -7.58
CA GLY A 10 1.71 0.91 -7.75
C GLY A 10 1.42 2.26 -7.07
N LYS A 11 2.23 2.64 -6.12
CA LYS A 11 2.00 3.93 -5.41
C LYS A 11 3.02 4.07 -4.28
N ARG A 12 2.91 5.12 -3.49
CA ARG A 12 3.88 5.31 -2.38
C ARG A 12 3.13 5.47 -1.06
N PHE A 13 3.74 5.11 0.03
CA PHE A 13 3.07 5.23 1.36
C PHE A 13 4.13 5.17 2.46
N SER A 14 4.06 6.05 3.42
CA SER A 14 5.06 6.02 4.52
C SER A 14 4.54 5.16 5.67
N LEU A 15 3.37 4.58 5.50
CA LEU A 15 2.81 3.72 6.57
C LEU A 15 2.39 2.39 5.97
N LYS A 16 3.24 1.40 6.03
CA LYS A 16 2.88 0.07 5.46
C LYS A 16 1.47 -0.32 5.90
N HIS A 17 1.14 -0.10 7.14
CA HIS A 17 -0.23 -0.45 7.62
C HIS A 17 -1.25 0.30 6.79
N GLN A 18 -1.03 1.58 6.58
CA GLN A 18 -1.99 2.37 5.76
C GLN A 18 -2.12 1.71 4.38
N MET A 19 -1.02 1.47 3.73
CA MET A 19 -1.07 0.83 2.39
C MET A 19 -1.74 -0.55 2.53
N GLU A 20 -1.32 -1.32 3.48
CA GLU A 20 -1.91 -2.66 3.69
C GLU A 20 -3.43 -2.50 3.81
N THR A 21 -3.86 -1.45 4.44
CA THR A 21 -5.33 -1.22 4.58
C THR A 21 -5.88 -0.84 3.22
N HIS A 22 -5.03 -0.36 2.36
CA HIS A 22 -5.50 0.04 1.00
C HIS A 22 -5.68 -1.22 0.14
N TYR A 23 -4.90 -2.24 0.41
CA TYR A 23 -5.02 -3.49 -0.39
C TYR A 23 -6.49 -3.94 -0.43
N ARG A 24 -7.22 -3.71 0.63
CA ARG A 24 -8.65 -4.10 0.63
C ARG A 24 -9.31 -3.55 -0.64
N VAL A 25 -8.54 -2.84 -1.43
CA VAL A 25 -9.09 -2.27 -2.69
C VAL A 25 -8.71 -3.19 -3.85
N HIS A 26 -8.14 -4.32 -3.55
CA HIS A 26 -7.73 -5.26 -4.63
C HIS A 26 -8.75 -6.40 -4.72
N THR A 27 -9.54 -6.59 -3.71
CA THR A 27 -10.55 -7.69 -3.74
C THR A 27 -11.94 -7.11 -3.46
N GLY A 28 -12.38 -7.17 -2.23
CA GLY A 28 -13.73 -6.63 -1.89
C GLY A 28 -13.96 -5.35 -2.69
N MET A 1 14.83 4.09 -1.50
CA MET A 1 13.44 4.41 -1.07
C MET A 1 13.20 3.85 0.33
N ARG A 2 12.82 4.70 1.26
CA ARG A 2 12.58 4.22 2.65
C ARG A 2 11.10 3.84 2.80
N PRO A 3 10.23 4.69 2.33
CA PRO A 3 8.76 4.46 2.41
C PRO A 3 8.34 3.13 1.75
N TYR A 4 7.07 2.83 1.76
CA TYR A 4 6.61 1.55 1.13
C TYR A 4 5.80 1.88 -0.13
N SER A 5 5.13 0.91 -0.69
CA SER A 5 4.32 1.17 -1.91
C SER A 5 3.17 0.18 -1.99
N CYS A 6 2.23 0.42 -2.86
CA CYS A 6 1.07 -0.51 -2.98
C CYS A 6 1.55 -1.86 -3.51
N SER A 7 2.67 -1.88 -4.17
CA SER A 7 3.20 -3.18 -4.71
C SER A 7 2.10 -3.92 -5.47
N VAL A 8 1.03 -3.24 -5.81
CA VAL A 8 -0.06 -3.90 -6.56
C VAL A 8 -0.66 -2.90 -7.55
N CYS A 9 -0.80 -1.67 -7.14
CA CYS A 9 -1.35 -0.63 -8.04
C CYS A 9 -0.22 0.27 -8.53
N GLY A 10 0.71 0.59 -7.66
CA GLY A 10 1.84 1.45 -8.08
C GLY A 10 1.76 2.80 -7.35
N LYS A 11 1.64 2.78 -6.05
CA LYS A 11 1.57 4.06 -5.30
C LYS A 11 2.65 4.06 -4.21
N ARG A 12 2.71 5.10 -3.42
CA ARG A 12 3.74 5.15 -2.36
C ARG A 12 3.07 5.38 -0.99
N PHE A 13 3.63 4.82 0.05
CA PHE A 13 3.04 5.02 1.40
C PHE A 13 4.11 4.78 2.46
N SER A 14 4.22 5.68 3.42
CA SER A 14 5.24 5.50 4.48
C SER A 14 4.60 4.78 5.66
N LEU A 15 3.36 4.40 5.53
CA LEU A 15 2.67 3.68 6.63
C LEU A 15 2.28 2.29 6.15
N LYS A 16 3.06 1.29 6.48
CA LYS A 16 2.72 -0.08 6.04
C LYS A 16 1.24 -0.36 6.30
N HIS A 17 0.69 0.23 7.32
CA HIS A 17 -0.76 0.01 7.63
C HIS A 17 -1.60 0.70 6.57
N GLN A 18 -1.28 1.93 6.22
CA GLN A 18 -2.06 2.65 5.19
C GLN A 18 -2.04 1.82 3.90
N MET A 19 -0.89 1.36 3.50
CA MET A 19 -0.80 0.54 2.27
C MET A 19 -1.55 -0.77 2.50
N GLU A 20 -1.27 -1.43 3.59
CA GLU A 20 -1.97 -2.70 3.88
C GLU A 20 -3.48 -2.42 3.95
N THR A 21 -3.84 -1.29 4.48
CA THR A 21 -5.29 -0.94 4.57
C THR A 21 -5.80 -0.66 3.16
N HIS A 22 -4.91 -0.34 2.26
CA HIS A 22 -5.33 -0.05 0.86
C HIS A 22 -5.62 -1.37 0.14
N TYR A 23 -4.90 -2.40 0.47
CA TYR A 23 -5.13 -3.71 -0.21
C TYR A 23 -6.61 -4.07 -0.12
N ARG A 24 -7.28 -3.68 0.95
CA ARG A 24 -8.72 -3.99 1.06
C ARG A 24 -9.43 -3.50 -0.21
N VAL A 25 -8.68 -2.96 -1.12
CA VAL A 25 -9.28 -2.46 -2.39
C VAL A 25 -9.08 -3.50 -3.48
N HIS A 26 -8.21 -4.44 -3.25
CA HIS A 26 -7.95 -5.50 -4.27
C HIS A 26 -8.97 -6.62 -4.12
N THR A 27 -9.86 -6.50 -3.17
CA THR A 27 -10.89 -7.56 -2.97
C THR A 27 -11.49 -7.95 -4.32
N GLY A 28 -12.01 -9.14 -4.43
CA GLY A 28 -12.61 -9.59 -5.71
C GLY A 28 -11.53 -10.22 -6.59
#